data_5WL0
#
_entry.id   5WL0
#
_cell.length_a   142.413
_cell.length_b   56.752
_cell.length_c   82.014
_cell.angle_alpha   90.000
_cell.angle_beta   111.230
_cell.angle_gamma   90.000
#
_symmetry.space_group_name_H-M   'C 1 2 1'
#
loop_
_entity.id
_entity.type
_entity.pdbx_description
1 polymer 'Polymerase basic protein 2'
2 non-polymer '(2S,3S)-3-[[5-fluoranyl-2-(5-fluoranyl-1H-pyrrolo[2,3-b]pyridin-3-yl)pyrimidin-4-yl]amino]bicyclo[2.2.2]octane-2-carboxylic acid'
3 non-polymer DI(HYDROXYETHYL)ETHER
4 water water
#
_entity_poly.entity_id   1
_entity_poly.type   'polypeptide(L)'
_entity_poly.pdbx_seq_one_letter_code
;MEQMYTPGGEVRNDDIDQSLIIAARNIVRRASVSADPLASLLEMCHSTQIGGTRMVDILRQNPTEEQAVDICKAAMGLRI
SSSFSFGGFTFKRTSGSSIKREEEVLTGNLQTLKIRVHEGYEEFTMVGKRATAILRKATRRLVQLIVSGRDEQSIAEAII
VAMVFSQEDCMIKAVRGDLNFVNRANQRLNPMHQLLRHFQKDAKVLFQNWGIEHIDNVMGMVGVLPDMTPSTEMSMRGIR
VSKMGVDEYSSTERVVVSIDRFLRVRDQRGNVLLSPEEVSETHGTERLTITYSSSMMWEINGPESVLVNTYQWIIRNWET
VKIQWSQNPTMLYNKMEFEPFQSLVPKAIRGQYSGFVRTLFQQMRDVLGTFDTTQIIKLLPFAAAPPKQSRMQFSSLTVN
VRGSGMRILVRGNSPVFNYNKTTKRLTILGKDAGTLIEDPDESTSGVESAVLRGFLILGKEDRRYGPALSINELSNLAKG
EKANVLIGQGDVVLVMKRKRDSVDHHHHHH
;
_entity_poly.pdbx_strand_id   A
#
# COMPACT_ATOMS: atom_id res chain seq x y z
N ASN A 13 23.61 -13.68 15.85
CA ASN A 13 22.83 -12.45 16.02
C ASN A 13 23.04 -11.48 14.85
N ASP A 14 23.83 -11.90 13.87
CA ASP A 14 23.70 -11.34 12.54
C ASP A 14 22.38 -11.79 11.90
N ASP A 15 21.90 -12.97 12.26
CA ASP A 15 20.62 -13.47 11.76
C ASP A 15 19.44 -12.62 12.20
N ILE A 16 19.58 -11.84 13.26
CA ILE A 16 18.52 -10.91 13.64
C ILE A 16 18.44 -9.76 12.65
N ASP A 17 19.58 -9.12 12.41
CA ASP A 17 19.60 -8.00 11.47
C ASP A 17 19.07 -8.44 10.12
N GLN A 18 19.57 -9.56 9.62
CA GLN A 18 19.05 -10.11 8.38
C GLN A 18 17.52 -10.19 8.40
N SER A 19 16.93 -10.73 9.47
CA SER A 19 15.47 -10.91 9.48
C SER A 19 14.74 -9.62 9.85
N LEU A 20 15.38 -8.74 10.61
CA LEU A 20 14.78 -7.44 10.88
C LEU A 20 14.59 -6.66 9.58
N ILE A 21 15.58 -6.74 8.68
CA ILE A 21 15.48 -6.07 7.39
C ILE A 21 14.33 -6.64 6.56
N ILE A 22 14.26 -7.97 6.44
CA ILE A 22 13.14 -8.57 5.69
C ILE A 22 11.81 -8.11 6.26
N ALA A 23 11.68 -8.11 7.60
CA ALA A 23 10.41 -7.70 8.19
C ALA A 23 10.15 -6.23 7.98
N ALA A 24 11.19 -5.38 8.04
CA ALA A 24 10.93 -3.94 7.90
C ALA A 24 10.49 -3.59 6.48
N ARG A 25 11.10 -4.23 5.48
CA ARG A 25 10.73 -3.96 4.08
C ARG A 25 9.28 -4.33 3.79
N ASN A 26 8.89 -5.56 4.12
CA ASN A 26 7.48 -5.95 4.08
C ASN A 26 6.57 -4.90 4.74
N ILE A 27 6.86 -4.53 5.98
CA ILE A 27 5.95 -3.65 6.72
C ILE A 27 5.85 -2.29 6.03
N VAL A 28 6.99 -1.68 5.67
CA VAL A 28 6.94 -0.37 5.00
C VAL A 28 6.17 -0.45 3.70
N ARG A 29 6.45 -1.48 2.89
CA ARG A 29 5.72 -1.64 1.64
C ARG A 29 4.22 -1.78 1.88
N ARG A 30 3.81 -2.63 2.81
CA ARG A 30 2.39 -2.70 3.18
C ARG A 30 1.88 -1.34 3.68
N ALA A 31 2.61 -0.70 4.59
CA ALA A 31 2.15 0.58 5.14
C ALA A 31 1.89 1.64 4.06
N SER A 32 2.67 1.65 2.98
CA SER A 32 2.59 2.79 2.07
C SER A 32 1.37 2.75 1.15
N VAL A 33 0.78 1.57 0.94
CA VAL A 33 -0.47 1.51 0.19
C VAL A 33 -1.69 1.64 1.10
N SER A 34 -1.51 1.65 2.43
CA SER A 34 -2.62 1.82 3.38
C SER A 34 -3.16 3.26 3.37
N ALA A 35 -4.28 3.43 4.09
CA ALA A 35 -4.89 4.74 4.27
C ALA A 35 -4.01 5.65 5.13
N ASP A 36 -3.67 5.21 6.34
CA ASP A 36 -2.74 5.97 7.16
C ASP A 36 -1.45 5.19 7.29
N PRO A 37 -0.47 5.45 6.42
CA PRO A 37 0.76 4.65 6.42
C PRO A 37 1.53 4.73 7.71
N LEU A 38 1.63 5.94 8.30
CA LEU A 38 2.33 6.05 9.57
C LEU A 38 1.59 5.29 10.67
N ALA A 39 0.26 5.39 10.69
CA ALA A 39 -0.50 4.58 11.65
C ALA A 39 -0.34 3.10 11.37
N SER A 40 -0.44 2.70 10.09
CA SER A 40 -0.32 1.28 9.78
C SER A 40 1.07 0.79 10.13
N LEU A 41 2.09 1.62 9.89
CA LEU A 41 3.46 1.18 10.10
C LEU A 41 3.73 0.91 11.58
N LEU A 42 3.28 1.82 12.45
CA LEU A 42 3.49 1.60 13.89
C LEU A 42 2.69 0.41 14.37
N GLU A 43 1.44 0.33 13.92
CA GLU A 43 0.61 -0.82 14.28
C GLU A 43 1.33 -2.11 13.97
N MET A 44 1.93 -2.22 12.77
CA MET A 44 2.55 -3.47 12.38
C MET A 44 3.85 -3.73 13.15
N CYS A 45 4.61 -2.67 13.47
CA CYS A 45 5.86 -2.87 14.21
C CYS A 45 5.59 -3.28 15.66
N HIS A 46 4.56 -2.71 16.31
CA HIS A 46 4.20 -3.23 17.62
C HIS A 46 3.64 -4.65 17.54
N SER A 47 3.10 -5.05 16.38
CA SER A 47 2.47 -6.35 16.15
C SER A 47 3.45 -7.50 15.93
N THR A 48 4.66 -7.21 15.49
CA THR A 48 5.50 -8.22 14.87
C THR A 48 6.52 -8.75 15.86
N GLN A 49 6.97 -9.98 15.65
CA GLN A 49 8.06 -10.52 16.42
C GLN A 49 9.11 -11.10 15.47
N ILE A 50 10.37 -11.04 15.89
CA ILE A 50 11.49 -11.62 15.14
C ILE A 50 12.09 -12.68 16.06
N GLY A 51 11.74 -13.95 15.82
CA GLY A 51 12.21 -15.03 16.69
C GLY A 51 11.84 -14.91 18.17
N GLY A 52 10.57 -14.75 18.48
CA GLY A 52 10.13 -14.60 19.86
C GLY A 52 10.20 -13.19 20.40
N THR A 53 11.07 -12.35 19.86
CA THR A 53 11.34 -11.04 20.43
C THR A 53 10.57 -9.96 19.69
N ARG A 54 10.03 -9.00 20.43
CA ARG A 54 9.30 -7.88 19.84
C ARG A 54 10.17 -7.07 18.90
N MET A 55 9.66 -6.83 17.69
CA MET A 55 10.36 -6.00 16.72
C MET A 55 10.73 -4.64 17.30
N VAL A 56 9.79 -4.01 18.02
CA VAL A 56 10.05 -2.68 18.55
C VAL A 56 11.13 -2.70 19.63
N ASP A 57 11.40 -3.85 20.24
CA ASP A 57 12.53 -3.91 21.15
C ASP A 57 13.83 -4.14 20.40
N ILE A 58 13.78 -4.80 19.25
CA ILE A 58 15.00 -4.92 18.45
C ILE A 58 15.34 -3.58 17.81
N LEU A 59 14.33 -2.81 17.40
CA LEU A 59 14.58 -1.52 16.77
C LEU A 59 15.16 -0.49 17.73
N ARG A 60 14.85 -0.60 19.03
CA ARG A 60 15.34 0.39 19.98
C ARG A 60 16.79 0.14 20.36
N GLN A 61 17.30 -1.05 20.14
CA GLN A 61 18.68 -1.36 20.50
C GLN A 61 19.54 -1.86 19.35
N ASN A 62 18.96 -2.18 18.18
CA ASN A 62 19.82 -2.72 17.11
C ASN A 62 20.35 -1.59 16.23
N PRO A 63 21.63 -1.56 15.93
CA PRO A 63 22.22 -0.40 15.24
C PRO A 63 22.09 -0.46 13.73
N THR A 64 21.45 -1.49 13.18
CA THR A 64 21.38 -1.70 11.74
C THR A 64 20.85 -0.48 11.01
N GLU A 65 21.57 -0.10 9.95
CA GLU A 65 21.22 1.03 9.12
C GLU A 65 20.86 0.48 7.76
N GLU A 66 19.57 0.53 7.44
CA GLU A 66 19.00 0.10 6.18
C GLU A 66 17.78 0.98 5.97
N GLN A 67 17.35 1.12 4.72
CA GLN A 67 16.38 2.16 4.42
C GLN A 67 15.05 1.94 5.17
N ALA A 68 14.48 0.73 5.06
CA ALA A 68 13.19 0.43 5.70
C ALA A 68 13.31 0.39 7.22
N VAL A 69 14.38 -0.21 7.74
CA VAL A 69 14.64 -0.24 9.17
C VAL A 69 14.74 1.18 9.74
N ASP A 70 15.29 2.10 8.97
CA ASP A 70 15.40 3.48 9.42
C ASP A 70 14.08 4.22 9.34
N ILE A 71 13.24 3.91 8.36
CA ILE A 71 11.91 4.51 8.36
C ILE A 71 11.16 4.10 9.63
N CYS A 72 11.34 2.85 10.06
CA CYS A 72 10.64 2.38 11.26
C CYS A 72 11.14 3.15 12.48
N LYS A 73 12.44 3.06 12.76
CA LYS A 73 13.09 3.89 13.76
C LYS A 73 12.59 5.33 13.76
N ALA A 74 12.57 5.97 12.60
CA ALA A 74 11.99 7.31 12.54
C ALA A 74 10.56 7.34 13.07
N ALA A 75 9.77 6.29 12.82
CA ALA A 75 8.36 6.33 13.25
C ALA A 75 8.23 6.24 14.76
N MET A 76 9.15 5.53 15.42
CA MET A 76 9.26 5.43 16.86
C MET A 76 10.03 6.59 17.49
N GLY A 77 10.12 7.75 16.85
CA GLY A 77 10.91 8.86 17.38
C GLY A 77 12.38 8.59 17.64
N LEU A 78 12.96 7.51 17.10
CA LEU A 78 14.39 7.28 17.32
C LEU A 78 15.26 8.20 16.43
N ARG A 79 16.56 8.08 16.64
CA ARG A 79 17.56 8.81 15.90
C ARG A 79 18.19 7.86 14.88
N ILE A 80 18.45 8.38 13.68
CA ILE A 80 18.98 7.58 12.58
C ILE A 80 20.09 8.37 11.87
N SER A 81 20.76 7.66 10.96
CA SER A 81 21.86 8.24 10.19
C SER A 81 21.41 9.41 9.34
N SER A 82 22.28 10.41 9.19
CA SER A 82 21.96 11.59 8.39
C SER A 82 22.13 11.36 6.90
N SER A 83 22.77 10.26 6.50
CA SER A 83 22.88 9.92 5.10
C SER A 83 21.49 9.81 4.48
N PHE A 84 21.41 9.94 3.17
CA PHE A 84 20.14 9.80 2.51
C PHE A 84 20.25 8.76 1.40
N SER A 85 19.11 8.39 0.84
CA SER A 85 19.06 7.33 -0.15
C SER A 85 18.42 7.88 -1.40
N PHE A 86 19.00 7.54 -2.56
CA PHE A 86 18.45 7.98 -3.85
C PHE A 86 18.77 6.93 -4.91
N GLY A 87 17.73 6.41 -5.56
CA GLY A 87 17.93 5.34 -6.51
C GLY A 87 18.52 4.08 -5.92
N GLY A 88 18.26 3.80 -4.65
CA GLY A 88 18.90 2.68 -3.99
C GLY A 88 20.31 2.92 -3.48
N PHE A 89 20.87 4.12 -3.67
CA PHE A 89 22.21 4.41 -3.20
C PHE A 89 22.17 5.27 -1.93
N THR A 90 23.00 4.87 -0.95
CA THR A 90 23.20 5.68 0.24
C THR A 90 24.26 6.73 -0.03
N PHE A 91 23.86 7.98 0.07
CA PHE A 91 24.75 9.10 -0.15
C PHE A 91 25.25 9.55 1.21
N LYS A 92 26.55 9.65 1.35
CA LYS A 92 27.19 10.22 2.53
C LYS A 92 28.05 11.39 2.07
N ARG A 93 27.80 12.58 2.62
CA ARG A 93 28.57 13.75 2.22
C ARG A 93 29.95 13.72 2.85
N THR A 94 31.00 13.79 2.03
CA THR A 94 32.35 13.77 2.58
C THR A 94 33.01 15.15 2.65
N SER A 95 32.58 16.12 1.87
CA SER A 95 33.04 17.50 2.01
C SER A 95 31.99 18.38 1.37
N GLY A 96 32.10 19.67 1.63
CA GLY A 96 31.24 20.62 0.95
C GLY A 96 29.92 20.82 1.64
N SER A 97 29.07 21.61 0.97
CA SER A 97 27.82 22.13 1.50
C SER A 97 26.94 22.52 0.33
N SER A 98 25.64 22.59 0.56
CA SER A 98 24.74 23.13 -0.46
C SER A 98 23.48 23.71 0.16
N ILE A 99 22.90 24.65 -0.57
CA ILE A 99 21.68 25.36 -0.21
C ILE A 99 20.57 24.92 -1.16
N LYS A 100 19.36 24.89 -0.64
CA LYS A 100 18.21 24.56 -1.47
C LYS A 100 17.71 25.82 -2.16
N ARG A 101 17.15 25.63 -3.34
CA ARG A 101 16.52 26.74 -4.04
C ARG A 101 15.61 26.15 -5.09
N GLU A 102 14.45 26.77 -5.29
CA GLU A 102 13.46 26.19 -6.18
C GLU A 102 13.54 26.79 -7.56
N GLU A 103 13.49 25.91 -8.55
CA GLU A 103 13.64 26.30 -9.93
C GLU A 103 12.64 25.56 -10.79
N GLU A 104 12.22 26.25 -11.83
CA GLU A 104 11.38 25.66 -12.85
C GLU A 104 12.25 25.31 -14.05
N VAL A 105 12.04 24.11 -14.62
CA VAL A 105 12.81 23.65 -15.77
C VAL A 105 11.87 23.09 -16.82
N LEU A 106 12.32 23.14 -18.07
CA LEU A 106 11.61 22.64 -19.23
C LEU A 106 12.30 21.37 -19.71
N THR A 107 11.56 20.27 -19.78
CA THR A 107 12.15 19.03 -20.25
C THR A 107 12.25 19.02 -21.78
N GLY A 108 12.92 17.99 -22.30
CA GLY A 108 12.95 17.74 -23.72
C GLY A 108 11.64 17.31 -24.31
N ASN A 109 10.60 17.18 -23.49
CA ASN A 109 9.25 17.00 -23.97
C ASN A 109 8.40 18.24 -23.73
N LEU A 110 9.07 19.39 -23.54
CA LEU A 110 8.43 20.67 -23.22
C LEU A 110 7.46 20.57 -22.04
N GLN A 111 7.71 19.66 -21.10
CA GLN A 111 7.01 19.66 -19.83
C GLN A 111 7.72 20.59 -18.85
N THR A 112 6.96 21.15 -17.93
CA THR A 112 7.50 22.10 -16.96
C THR A 112 7.55 21.43 -15.60
N LEU A 113 8.74 21.40 -15.01
CA LEU A 113 8.98 20.79 -13.72
C LEU A 113 9.53 21.83 -12.76
N LYS A 114 9.05 21.78 -11.53
CA LYS A 114 9.50 22.63 -10.43
C LYS A 114 10.40 21.78 -9.55
N ILE A 115 11.70 22.09 -9.58
CA ILE A 115 12.73 21.23 -8.98
C ILE A 115 13.36 21.96 -7.79
N ARG A 116 13.66 21.22 -6.73
CA ARG A 116 14.45 21.74 -5.61
C ARG A 116 15.93 21.62 -5.98
N VAL A 117 16.48 22.68 -6.58
CA VAL A 117 17.87 22.68 -7.01
C VAL A 117 18.80 22.95 -5.84
N HIS A 118 19.91 22.21 -5.77
CA HIS A 118 20.91 22.44 -4.73
C HIS A 118 22.08 23.23 -5.32
N GLU A 119 22.51 24.28 -4.62
CA GLU A 119 23.61 25.09 -5.11
C GLU A 119 24.74 25.06 -4.11
N GLY A 120 25.95 24.86 -4.60
CA GLY A 120 27.10 24.58 -3.76
C GLY A 120 27.98 23.52 -4.41
N TYR A 121 29.17 23.36 -3.84
CA TYR A 121 30.09 22.31 -4.26
C TYR A 121 30.14 21.25 -3.17
N GLU A 122 29.99 19.98 -3.57
CA GLU A 122 29.79 18.88 -2.61
C GLU A 122 30.48 17.62 -3.08
N GLU A 123 30.94 16.81 -2.12
CA GLU A 123 31.48 15.49 -2.45
C GLU A 123 30.72 14.43 -1.67
N PHE A 124 30.44 13.29 -2.32
CA PHE A 124 29.69 12.21 -1.69
C PHE A 124 30.32 10.88 -2.04
N THR A 125 30.15 9.92 -1.14
CA THR A 125 30.24 8.51 -1.50
C THR A 125 28.83 7.97 -1.72
N MET A 126 28.68 7.12 -2.72
CA MET A 126 27.42 6.42 -2.98
C MET A 126 27.69 4.95 -2.79
N VAL A 127 26.88 4.31 -1.96
CA VAL A 127 27.08 2.90 -1.63
C VAL A 127 25.82 2.13 -2.02
N GLY A 128 26.00 1.05 -2.80
CA GLY A 128 24.90 0.21 -3.22
C GLY A 128 25.20 -1.26 -3.03
N LYS A 129 24.20 -2.08 -3.34
CA LYS A 129 24.42 -3.52 -3.22
C LYS A 129 25.49 -3.98 -4.21
N ARG A 130 25.39 -3.59 -5.48
CA ARG A 130 26.30 -4.11 -6.49
C ARG A 130 27.23 -3.07 -7.13
N ALA A 131 27.27 -1.84 -6.63
CA ALA A 131 28.28 -0.88 -7.08
C ALA A 131 28.40 0.22 -6.05
N THR A 132 29.58 0.84 -5.98
CA THR A 132 29.81 1.99 -5.11
C THR A 132 30.50 3.06 -5.94
N ALA A 133 30.58 4.28 -5.42
CA ALA A 133 31.12 5.35 -6.23
C ALA A 133 31.48 6.56 -5.38
N ILE A 134 32.34 7.39 -5.94
CA ILE A 134 32.70 8.69 -5.37
C ILE A 134 32.18 9.76 -6.33
N LEU A 135 31.46 10.73 -5.80
CA LEU A 135 30.84 11.73 -6.66
C LEU A 135 31.16 13.14 -6.18
N ARG A 136 31.61 13.97 -7.13
CA ARG A 136 31.78 15.42 -6.95
C ARG A 136 30.80 16.17 -7.86
N LYS A 137 30.13 17.17 -7.30
CA LYS A 137 29.18 17.95 -8.09
C LYS A 137 29.17 19.40 -7.61
N ALA A 138 28.58 20.26 -8.43
CA ALA A 138 28.33 21.66 -8.17
C ALA A 138 26.90 21.99 -8.59
N THR A 139 26.54 23.27 -8.60
CA THR A 139 25.18 23.66 -8.96
C THR A 139 24.85 23.23 -10.38
N ARG A 140 23.93 22.25 -10.50
CA ARG A 140 23.43 21.76 -11.78
C ARG A 140 24.58 21.29 -12.69
N ARG A 141 25.58 20.65 -12.09
CA ARG A 141 26.79 20.26 -12.80
C ARG A 141 27.38 19.04 -12.10
N LEU A 142 27.68 17.99 -12.86
CA LEU A 142 28.44 16.88 -12.35
C LEU A 142 29.91 17.11 -12.65
N VAL A 143 30.75 16.98 -11.65
CA VAL A 143 32.17 17.26 -11.79
C VAL A 143 32.97 16.00 -11.98
N GLN A 144 32.67 14.96 -11.21
CA GLN A 144 33.39 13.70 -11.40
C GLN A 144 32.63 12.55 -10.78
N LEU A 145 32.68 11.39 -11.44
CA LEU A 145 32.12 10.17 -10.88
C LEU A 145 33.08 9.03 -11.13
N ILE A 146 33.65 8.48 -10.04
CA ILE A 146 34.45 7.26 -10.08
C ILE A 146 33.55 6.12 -9.58
N VAL A 147 33.27 5.15 -10.41
CA VAL A 147 32.31 4.11 -10.05
C VAL A 147 32.97 2.76 -10.25
N SER A 148 32.73 1.87 -9.31
CA SER A 148 33.16 0.48 -9.42
C SER A 148 31.96 -0.42 -9.19
N GLY A 149 31.92 -1.54 -9.93
CA GLY A 149 30.70 -2.34 -9.96
C GLY A 149 30.92 -3.74 -10.49
N ARG A 150 29.92 -4.58 -10.21
CA ARG A 150 29.99 -6.01 -10.50
C ARG A 150 29.83 -6.31 -11.98
N ASP A 151 29.07 -5.50 -12.71
CA ASP A 151 28.78 -5.74 -14.12
C ASP A 151 28.24 -4.46 -14.70
N GLU A 152 28.05 -4.45 -16.02
CA GLU A 152 27.73 -3.21 -16.70
C GLU A 152 26.38 -2.65 -16.30
N GLN A 153 25.43 -3.50 -15.94
CA GLN A 153 24.15 -2.99 -15.45
C GLN A 153 24.34 -2.20 -14.16
N SER A 154 25.19 -2.71 -13.26
CA SER A 154 25.39 -2.08 -11.96
C SER A 154 26.05 -0.72 -12.11
N ILE A 155 27.18 -0.68 -12.79
CA ILE A 155 27.84 0.57 -13.12
C ILE A 155 26.85 1.56 -13.72
N ALA A 156 26.00 1.08 -14.63
CA ALA A 156 25.12 1.97 -15.34
C ALA A 156 24.06 2.54 -14.41
N GLU A 157 23.48 1.68 -13.56
CA GLU A 157 22.57 2.16 -12.54
C GLU A 157 23.19 3.32 -11.76
N ALA A 158 24.43 3.13 -11.30
CA ALA A 158 25.09 4.17 -10.53
C ALA A 158 25.24 5.44 -11.36
N ILE A 159 25.69 5.30 -12.62
CA ILE A 159 25.88 6.46 -13.49
C ILE A 159 24.56 7.21 -13.71
N ILE A 160 23.46 6.48 -13.92
CA ILE A 160 22.18 7.16 -14.14
C ILE A 160 21.83 7.98 -12.92
N VAL A 161 21.99 7.38 -11.74
CA VAL A 161 21.61 8.04 -10.50
C VAL A 161 22.45 9.30 -10.29
N ALA A 162 23.77 9.22 -10.55
CA ALA A 162 24.59 10.41 -10.40
C ALA A 162 24.16 11.48 -11.40
N MET A 163 23.74 11.06 -12.60
CA MET A 163 23.38 12.04 -13.62
C MET A 163 22.12 12.81 -13.25
N VAL A 164 21.09 12.09 -12.80
CA VAL A 164 19.88 12.77 -12.34
C VAL A 164 20.20 13.60 -11.09
N PHE A 165 21.05 13.08 -10.21
CA PHE A 165 21.37 13.77 -8.97
C PHE A 165 22.12 15.09 -9.21
N SER A 166 22.94 15.15 -10.26
CA SER A 166 23.65 16.37 -10.61
C SER A 166 22.70 17.49 -10.98
N GLN A 167 21.51 17.12 -11.46
CA GLN A 167 20.46 18.04 -11.88
C GLN A 167 20.82 18.80 -13.14
N GLU A 168 21.77 18.27 -13.92
CA GLU A 168 22.31 18.98 -15.05
C GLU A 168 21.24 19.12 -16.15
N ASP A 169 21.34 20.22 -16.90
CA ASP A 169 20.32 20.57 -17.88
C ASP A 169 20.25 19.57 -19.03
N CYS A 170 21.37 19.00 -19.46
CA CYS A 170 21.28 18.05 -20.56
C CYS A 170 20.55 16.79 -20.11
N MET A 171 20.61 16.45 -18.83
CA MET A 171 19.77 15.39 -18.33
C MET A 171 18.30 15.77 -18.49
N ILE A 172 17.94 16.97 -18.04
CA ILE A 172 16.57 17.46 -18.21
C ILE A 172 16.15 17.39 -19.67
N LYS A 173 17.03 17.87 -20.56
CA LYS A 173 16.74 17.88 -21.98
C LYS A 173 16.61 16.49 -22.57
N ALA A 174 17.15 15.48 -21.88
CA ALA A 174 17.12 14.14 -22.43
C ALA A 174 15.78 13.44 -22.22
N VAL A 175 14.84 14.04 -21.47
CA VAL A 175 13.54 13.43 -21.27
C VAL A 175 12.80 13.33 -22.59
N ARG A 176 12.12 12.21 -22.80
CA ARG A 176 11.19 12.06 -23.93
C ARG A 176 9.89 11.54 -23.37
N GLY A 177 8.77 12.00 -23.89
CA GLY A 177 7.51 11.68 -23.28
C GLY A 177 7.30 12.41 -21.96
N ASP A 178 6.06 12.35 -21.48
CA ASP A 178 5.63 13.07 -20.29
C ASP A 178 5.87 12.24 -19.04
N LEU A 179 6.09 12.94 -17.92
CA LEU A 179 6.45 12.31 -16.66
C LEU A 179 5.23 12.34 -15.76
N ASN A 180 4.61 11.19 -15.57
CA ASN A 180 3.42 11.07 -14.75
C ASN A 180 3.49 9.79 -13.96
N PHE A 181 4.64 9.56 -13.35
CA PHE A 181 4.80 8.38 -12.51
C PHE A 181 4.04 8.55 -11.21
N VAL A 182 3.36 7.49 -10.80
CA VAL A 182 2.68 7.45 -9.52
C VAL A 182 3.20 6.22 -8.78
N ASN A 183 2.84 6.14 -7.51
CA ASN A 183 3.10 4.95 -6.71
C ASN A 183 1.84 4.12 -6.66
N ARG A 184 1.89 3.02 -5.93
CA ARG A 184 0.71 2.16 -5.92
C ARG A 184 -0.51 2.85 -5.33
N ALA A 185 -0.32 3.81 -4.42
CA ALA A 185 -1.43 4.63 -3.92
C ALA A 185 -1.80 5.74 -4.90
N ASN A 186 -1.48 5.60 -6.18
CA ASN A 186 -1.73 6.59 -7.23
C ASN A 186 -1.33 8.02 -6.86
N GLN A 187 -0.34 8.20 -5.99
CA GLN A 187 0.15 9.53 -5.65
C GLN A 187 1.40 9.86 -6.48
N ARG A 188 1.37 11.01 -7.14
CA ARG A 188 2.48 11.47 -7.98
C ARG A 188 3.79 11.47 -7.21
N LEU A 189 4.84 10.98 -7.85
CA LEU A 189 6.18 11.05 -7.29
C LEU A 189 6.75 12.45 -7.51
N ASN A 190 7.58 12.89 -6.57
CA ASN A 190 8.21 14.21 -6.68
C ASN A 190 9.11 14.22 -7.90
N PRO A 191 9.42 15.41 -8.43
CA PRO A 191 10.07 15.47 -9.76
C PRO A 191 11.42 14.75 -9.88
N MET A 192 12.25 14.75 -8.84
CA MET A 192 13.52 14.06 -8.95
C MET A 192 13.31 12.56 -9.15
N HIS A 193 12.33 11.99 -8.44
CA HIS A 193 11.98 10.59 -8.72
C HIS A 193 11.25 10.46 -10.05
N GLN A 194 10.54 11.50 -10.52
CA GLN A 194 10.00 11.48 -11.88
C GLN A 194 11.14 11.27 -12.90
N LEU A 195 12.21 12.07 -12.78
CA LEU A 195 13.28 11.94 -13.75
C LEU A 195 14.02 10.64 -13.58
N LEU A 196 14.22 10.21 -12.34
CA LEU A 196 15.01 9.00 -12.12
C LEU A 196 14.27 7.78 -12.68
N ARG A 197 12.96 7.68 -12.43
CA ARG A 197 12.19 6.58 -13.00
C ARG A 197 12.25 6.60 -14.53
N HIS A 198 12.09 7.77 -15.14
CA HIS A 198 12.10 7.86 -16.58
C HIS A 198 13.40 7.30 -17.16
N PHE A 199 14.54 7.66 -16.57
CA PHE A 199 15.80 7.20 -17.12
C PHE A 199 16.18 5.80 -16.68
N GLN A 200 15.73 5.34 -15.51
CA GLN A 200 15.89 3.92 -15.18
C GLN A 200 15.19 3.02 -16.18
N LYS A 201 14.13 3.51 -16.81
CA LYS A 201 13.43 2.69 -17.82
C LYS A 201 14.25 2.54 -19.09
N ASP A 202 14.88 3.64 -19.57
CA ASP A 202 15.75 3.59 -20.74
C ASP A 202 16.65 4.82 -20.78
N ALA A 203 17.96 4.62 -20.91
CA ALA A 203 18.92 5.68 -20.67
C ALA A 203 19.78 6.03 -21.88
N LYS A 204 19.40 5.64 -23.09
CA LYS A 204 20.34 5.80 -24.19
C LYS A 204 20.39 7.25 -24.68
N VAL A 205 19.25 7.94 -24.74
CA VAL A 205 19.27 9.36 -25.07
C VAL A 205 20.10 10.11 -24.04
N LEU A 206 19.92 9.77 -22.77
CA LEU A 206 20.70 10.38 -21.71
C LEU A 206 22.20 10.15 -21.90
N PHE A 207 22.59 8.91 -22.23
CA PHE A 207 24.02 8.67 -22.35
C PHE A 207 24.60 9.27 -23.63
N GLN A 208 23.82 9.29 -24.70
CA GLN A 208 24.40 9.71 -25.97
C GLN A 208 24.54 11.23 -26.04
N ASN A 209 23.66 11.97 -25.34
CA ASN A 209 23.72 13.42 -25.37
C ASN A 209 24.42 13.98 -24.15
N TRP A 210 25.01 13.14 -23.31
CA TRP A 210 25.67 13.64 -22.12
C TRP A 210 26.98 14.35 -22.48
N GLY A 211 27.75 13.76 -23.39
CA GLY A 211 29.04 14.32 -23.79
C GLY A 211 30.20 13.37 -23.55
N ILE A 212 31.23 13.46 -24.38
CA ILE A 212 32.37 12.56 -24.43
C ILE A 212 33.65 13.39 -24.30
N GLU A 213 34.66 12.82 -23.63
CA GLU A 213 35.92 13.52 -23.45
C GLU A 213 37.05 12.54 -23.63
N HIS A 214 38.19 13.07 -24.08
CA HIS A 214 39.41 12.29 -24.07
C HIS A 214 39.91 12.22 -22.63
N ILE A 215 40.55 11.10 -22.28
CA ILE A 215 40.91 10.88 -20.89
C ILE A 215 42.40 10.70 -20.78
N ASP A 216 42.91 11.15 -19.63
CA ASP A 216 44.28 10.94 -19.22
C ASP A 216 44.47 9.52 -18.73
N ASN A 217 45.73 9.13 -18.58
CA ASN A 217 46.07 7.79 -18.16
C ASN A 217 46.33 7.80 -16.65
N VAL A 218 45.56 6.99 -15.93
CA VAL A 218 45.61 6.88 -14.48
C VAL A 218 45.54 5.39 -14.15
N MET A 219 46.35 4.96 -13.17
CA MET A 219 46.41 3.54 -12.83
C MET A 219 45.07 3.04 -12.30
N GLY A 220 44.61 1.92 -12.83
CA GLY A 220 43.42 1.28 -12.31
C GLY A 220 42.13 1.97 -12.62
N MET A 221 42.09 2.78 -13.68
CA MET A 221 40.90 3.52 -14.03
C MET A 221 40.71 3.58 -15.54
N VAL A 222 39.50 3.28 -15.97
CA VAL A 222 39.18 3.16 -17.38
C VAL A 222 37.98 4.05 -17.67
N GLY A 223 37.81 4.38 -18.94
CA GLY A 223 36.63 5.11 -19.36
C GLY A 223 35.46 4.18 -19.74
N VAL A 224 34.31 4.79 -20.01
CA VAL A 224 33.07 4.08 -20.36
C VAL A 224 32.30 4.92 -21.39
N LEU A 225 31.91 4.30 -22.50
CA LEU A 225 31.23 5.00 -23.59
C LEU A 225 29.74 4.86 -23.43
N PRO A 226 28.94 5.57 -24.24
CA PRO A 226 27.49 5.52 -24.00
C PRO A 226 26.89 4.12 -24.15
N ASP A 227 27.55 3.17 -24.82
CA ASP A 227 27.05 1.80 -24.86
C ASP A 227 27.75 0.89 -23.85
N MET A 228 28.30 1.45 -22.78
CA MET A 228 28.94 0.71 -21.70
C MET A 228 30.17 -0.08 -22.16
N THR A 229 30.68 0.19 -23.36
CA THR A 229 31.97 -0.35 -23.73
C THR A 229 33.08 0.32 -22.93
N PRO A 230 34.09 -0.41 -22.48
CA PRO A 230 35.24 0.23 -21.83
C PRO A 230 36.12 0.90 -22.85
N SER A 231 36.94 1.83 -22.37
CA SER A 231 37.85 2.52 -23.29
C SER A 231 39.04 3.08 -22.53
N THR A 232 40.22 2.93 -23.10
CA THR A 232 41.41 3.53 -22.54
C THR A 232 41.71 4.90 -23.13
N GLU A 233 40.85 5.39 -23.99
CA GLU A 233 41.07 6.65 -24.70
C GLU A 233 39.98 7.67 -24.46
N MET A 234 38.71 7.25 -24.46
CA MET A 234 37.58 8.14 -24.36
C MET A 234 36.72 7.75 -23.17
N SER A 235 35.78 8.62 -22.82
CA SER A 235 34.85 8.31 -21.74
C SER A 235 33.73 9.33 -21.78
N MET A 236 32.57 8.93 -21.24
CA MET A 236 31.52 9.90 -20.98
C MET A 236 32.02 10.97 -20.02
N ARG A 237 31.50 12.19 -20.18
CA ARG A 237 32.12 13.35 -19.54
C ARG A 237 32.05 13.24 -18.03
N GLY A 238 33.23 13.30 -17.39
CA GLY A 238 33.34 13.27 -15.95
C GLY A 238 33.17 11.91 -15.31
N ILE A 239 33.01 10.85 -16.09
CA ILE A 239 32.76 9.50 -15.60
C ILE A 239 34.04 8.68 -15.73
N ARG A 240 34.39 7.93 -14.68
CA ARG A 240 35.41 6.89 -14.80
C ARG A 240 34.96 5.62 -14.08
N VAL A 241 35.38 4.47 -14.60
CA VAL A 241 35.21 3.20 -13.93
C VAL A 241 36.52 2.80 -13.26
N SER A 242 36.46 2.47 -11.97
CA SER A 242 37.61 2.00 -11.22
C SER A 242 37.45 0.52 -10.88
N LYS A 243 38.57 -0.08 -10.45
CA LYS A 243 38.62 -1.50 -10.09
C LYS A 243 38.46 -1.74 -8.60
N MET A 244 39.27 -1.10 -7.77
CA MET A 244 39.18 -1.30 -6.34
C MET A 244 38.34 -0.22 -5.65
N GLY A 245 37.73 0.69 -6.40
CA GLY A 245 36.91 1.72 -5.81
C GLY A 245 35.94 1.22 -4.77
N VAL A 246 35.78 1.98 -3.69
CA VAL A 246 34.82 1.67 -2.62
C VAL A 246 34.25 2.96 -2.06
N SER A 251 28.81 7.71 8.26
CA SER A 251 28.22 6.39 8.56
C SER A 251 27.95 6.21 10.05
N THR A 252 28.42 7.13 10.90
CA THR A 252 28.23 6.94 12.33
C THR A 252 27.60 8.12 13.06
N GLU A 253 27.27 9.22 12.40
CA GLU A 253 26.47 10.21 13.12
C GLU A 253 24.99 9.92 12.97
N ARG A 254 24.25 10.15 14.05
CA ARG A 254 22.82 9.90 14.11
C ARG A 254 22.14 11.19 14.53
N VAL A 255 21.02 11.52 13.89
CA VAL A 255 20.36 12.80 14.13
C VAL A 255 18.87 12.56 14.35
N VAL A 256 18.23 13.58 14.88
CA VAL A 256 16.79 13.62 15.05
C VAL A 256 16.17 13.95 13.71
N VAL A 257 15.06 13.29 13.38
CA VAL A 257 14.41 13.44 12.09
C VAL A 257 12.90 13.57 12.30
N SER A 258 12.19 13.94 11.24
CA SER A 258 10.73 13.95 11.23
C SER A 258 10.18 13.02 10.15
N ILE A 259 9.08 12.34 10.47
CA ILE A 259 8.43 11.42 9.53
C ILE A 259 6.99 11.89 9.35
N ASP A 260 6.63 12.25 8.13
CA ASP A 260 5.29 12.78 7.93
C ASP A 260 4.31 11.64 7.66
N ARG A 261 3.18 11.97 7.05
CA ARG A 261 2.13 10.98 6.95
C ARG A 261 2.54 9.86 6.00
N PHE A 262 3.07 10.20 4.81
CA PHE A 262 3.42 9.17 3.84
C PHE A 262 4.85 8.66 3.96
N LEU A 263 5.43 8.73 5.15
CA LEU A 263 6.67 8.02 5.55
C LEU A 263 7.89 8.66 4.92
N ARG A 264 7.74 9.86 4.37
CA ARG A 264 8.89 10.65 3.97
C ARG A 264 9.56 11.21 5.22
N VAL A 265 10.79 10.78 5.43
CA VAL A 265 11.63 11.17 6.57
C VAL A 265 12.46 12.39 6.18
N ARG A 266 12.50 13.40 7.06
CA ARG A 266 13.22 14.63 6.79
C ARG A 266 14.20 14.97 7.91
N ASP A 267 15.18 15.76 7.55
CA ASP A 267 16.09 16.32 8.52
C ASP A 267 15.69 17.77 8.82
N GLN A 268 16.41 18.36 9.78
CA GLN A 268 16.08 19.68 10.31
C GLN A 268 15.91 20.71 9.21
N ARG A 269 16.62 20.55 8.12
CA ARG A 269 16.59 21.54 7.06
C ARG A 269 15.61 21.18 5.95
N GLY A 270 14.84 20.12 6.12
CA GLY A 270 13.79 19.80 5.19
C GLY A 270 14.21 18.95 4.01
N ASN A 271 15.34 18.27 4.11
CA ASN A 271 15.78 17.28 3.12
C ASN A 271 15.10 15.95 3.39
N VAL A 272 14.65 15.30 2.32
CA VAL A 272 14.04 13.98 2.43
C VAL A 272 15.16 12.96 2.42
N LEU A 273 15.45 12.40 3.59
CA LEU A 273 16.51 11.42 3.75
C LEU A 273 16.07 10.04 3.25
N LEU A 274 14.79 9.72 3.43
CA LEU A 274 14.25 8.40 3.19
C LEU A 274 12.77 8.51 2.92
N SER A 275 12.27 7.60 2.09
CA SER A 275 10.86 7.45 1.80
C SER A 275 10.60 6.01 1.37
N PRO A 276 9.34 5.60 1.16
CA PRO A 276 9.09 4.23 0.66
C PRO A 276 9.63 3.94 -0.73
N GLU A 277 9.63 4.92 -1.63
CA GLU A 277 10.25 4.77 -2.95
C GLU A 277 11.75 4.49 -2.90
N GLU A 278 12.37 4.56 -1.72
CA GLU A 278 13.79 4.27 -1.58
C GLU A 278 14.02 2.94 -0.91
N VAL A 279 13.02 2.15 -0.76
CA VAL A 279 13.18 0.84 -0.19
C VAL A 279 13.53 -0.13 -1.30
N SER A 280 14.48 -1.03 -1.01
CA SER A 280 14.91 -2.02 -1.98
C SER A 280 13.78 -3.00 -2.28
N GLU A 281 13.72 -3.43 -3.53
CA GLU A 281 12.72 -4.40 -3.98
C GLU A 281 13.16 -5.85 -3.76
N THR A 282 14.40 -6.08 -3.34
CA THR A 282 14.85 -7.46 -3.12
C THR A 282 14.02 -8.14 -2.04
N HIS A 283 13.70 -9.41 -2.26
CA HIS A 283 12.91 -10.13 -1.26
C HIS A 283 13.60 -11.42 -0.87
N GLY A 284 14.38 -11.36 0.21
CA GLY A 284 15.08 -12.52 0.71
C GLY A 284 14.21 -13.37 1.62
N THR A 285 14.78 -14.47 2.08
CA THR A 285 14.08 -15.37 2.98
C THR A 285 14.82 -15.43 4.32
N GLU A 286 14.03 -15.35 5.39
CA GLU A 286 14.52 -15.18 6.74
C GLU A 286 15.30 -16.38 7.22
N ARG A 287 16.23 -16.15 8.15
CA ARG A 287 16.80 -17.26 8.89
C ARG A 287 16.28 -17.32 10.33
N LEU A 288 15.45 -16.37 10.74
CA LEU A 288 14.61 -16.50 11.92
C LEU A 288 13.14 -16.33 11.52
N THR A 289 12.27 -17.07 12.20
CA THR A 289 10.85 -16.91 11.96
C THR A 289 10.42 -15.46 12.17
N ILE A 290 9.60 -14.95 11.26
CA ILE A 290 8.93 -13.68 11.47
C ILE A 290 7.45 -13.98 11.59
N THR A 291 6.80 -13.38 12.57
CA THR A 291 5.41 -13.64 12.85
C THR A 291 4.68 -12.30 12.86
N TYR A 292 3.81 -12.08 11.88
CA TYR A 292 3.00 -10.88 11.88
C TYR A 292 1.66 -11.18 12.55
N SER A 293 1.21 -10.28 13.41
CA SER A 293 -0.12 -10.37 13.99
C SER A 293 -1.10 -9.45 13.30
N SER A 294 -0.62 -8.35 12.73
CA SER A 294 -1.48 -7.31 12.20
C SER A 294 -2.45 -7.87 11.15
N SER A 295 -3.64 -7.27 11.10
CA SER A 295 -4.57 -7.60 10.02
C SER A 295 -3.97 -7.25 8.67
N MET A 296 -3.11 -6.23 8.62
CA MET A 296 -2.51 -5.77 7.37
C MET A 296 -1.70 -6.87 6.67
N MET A 297 -1.16 -7.82 7.43
CA MET A 297 -0.38 -8.94 6.89
C MET A 297 -1.20 -10.22 6.74
N TRP A 298 -2.53 -10.11 6.73
CA TRP A 298 -3.33 -11.27 6.42
C TRP A 298 -3.13 -11.71 4.98
N GLU A 299 -3.01 -10.75 4.07
CA GLU A 299 -2.94 -11.04 2.65
C GLU A 299 -1.72 -11.86 2.29
N ILE A 300 -0.80 -12.06 3.23
CA ILE A 300 0.37 -12.91 3.00
C ILE A 300 -0.04 -14.28 2.47
N ASN A 301 -1.12 -14.86 3.00
CA ASN A 301 -1.57 -16.18 2.59
C ASN A 301 -2.79 -16.13 1.66
N GLY A 302 -2.81 -15.14 0.76
CA GLY A 302 -3.79 -15.08 -0.30
C GLY A 302 -5.11 -14.52 0.15
N PRO A 303 -5.95 -14.15 -0.82
CA PRO A 303 -7.27 -13.59 -0.47
C PRO A 303 -8.13 -14.53 0.36
N GLU A 304 -7.92 -15.85 0.28
CA GLU A 304 -8.71 -16.74 1.11
C GLU A 304 -8.45 -16.47 2.59
N SER A 305 -7.18 -16.28 2.95
CA SER A 305 -6.85 -16.00 4.34
C SER A 305 -7.38 -14.64 4.77
N VAL A 306 -7.51 -13.69 3.83
CA VAL A 306 -8.12 -12.41 4.15
C VAL A 306 -9.57 -12.60 4.57
N LEU A 307 -10.34 -13.32 3.75
CA LEU A 307 -11.77 -13.50 3.99
C LEU A 307 -12.02 -14.21 5.31
N VAL A 308 -11.35 -15.35 5.51
CA VAL A 308 -11.50 -16.12 6.74
C VAL A 308 -11.14 -15.28 7.95
N ASN A 309 -10.00 -14.61 7.88
CA ASN A 309 -9.55 -13.82 9.03
C ASN A 309 -10.51 -12.67 9.30
N THR A 310 -10.99 -11.99 8.25
CA THR A 310 -11.94 -10.91 8.44
C THR A 310 -13.13 -11.38 9.26
N TYR A 311 -13.80 -12.45 8.79
CA TYR A 311 -14.97 -12.95 9.49
C TYR A 311 -14.59 -13.54 10.84
N GLN A 312 -13.47 -14.26 10.90
CA GLN A 312 -12.97 -14.73 12.20
C GLN A 312 -12.80 -13.56 13.17
N TRP A 313 -12.11 -12.51 12.72
CA TRP A 313 -11.89 -11.35 13.55
C TRP A 313 -13.19 -10.78 14.09
N ILE A 314 -14.24 -10.77 13.27
CA ILE A 314 -15.50 -10.18 13.71
C ILE A 314 -16.12 -11.02 14.81
N ILE A 315 -16.00 -12.35 14.71
CA ILE A 315 -16.56 -13.21 15.74
C ILE A 315 -15.84 -12.99 17.06
N ARG A 316 -14.51 -12.90 17.01
CA ARG A 316 -13.73 -12.83 18.25
C ARG A 316 -13.94 -11.48 18.94
N ASN A 317 -14.19 -10.44 18.17
CA ASN A 317 -14.44 -9.12 18.70
C ASN A 317 -15.91 -8.76 18.72
N TRP A 318 -16.79 -9.77 18.76
CA TRP A 318 -18.21 -9.49 18.56
C TRP A 318 -18.76 -8.49 19.58
N GLU A 319 -18.31 -8.58 20.83
CA GLU A 319 -18.92 -7.72 21.84
C GLU A 319 -18.61 -6.25 21.54
N THR A 320 -17.35 -5.91 21.25
CA THR A 320 -17.04 -4.52 20.89
C THR A 320 -17.66 -4.14 19.54
N VAL A 321 -17.69 -5.07 18.58
CA VAL A 321 -18.28 -4.78 17.26
C VAL A 321 -19.78 -4.51 17.38
N LYS A 322 -20.48 -5.32 18.16
CA LYS A 322 -21.93 -5.19 18.25
C LYS A 322 -22.36 -3.86 18.82
N ILE A 323 -21.61 -3.30 19.77
CA ILE A 323 -22.05 -2.03 20.34
C ILE A 323 -21.56 -0.85 19.49
N GLN A 324 -20.37 -0.95 18.89
CA GLN A 324 -20.01 0.14 17.98
C GLN A 324 -20.95 0.15 16.80
N TRP A 325 -21.34 -1.04 16.33
CA TRP A 325 -22.35 -1.14 15.29
C TRP A 325 -23.64 -0.46 15.72
N SER A 326 -23.99 -0.60 16.99
CA SER A 326 -25.31 -0.20 17.44
C SER A 326 -25.41 1.27 17.77
N GLN A 327 -24.28 1.97 17.97
CA GLN A 327 -24.30 3.31 18.51
C GLN A 327 -23.24 4.25 17.97
N ASN A 328 -22.16 3.73 17.39
CA ASN A 328 -21.11 4.56 16.81
C ASN A 328 -20.57 3.89 15.54
N PRO A 329 -21.43 3.66 14.55
CA PRO A 329 -21.00 2.87 13.38
C PRO A 329 -19.85 3.49 12.62
N THR A 330 -19.82 4.83 12.55
CA THR A 330 -18.73 5.54 11.88
C THR A 330 -17.36 4.98 12.25
N MET A 331 -17.12 4.77 13.54
CA MET A 331 -15.81 4.25 13.92
C MET A 331 -15.66 2.77 13.60
N LEU A 332 -16.77 2.01 13.61
CA LEU A 332 -16.69 0.62 13.21
C LEU A 332 -16.31 0.49 11.75
N TYR A 333 -16.98 1.25 10.88
CA TYR A 333 -16.76 1.12 9.44
C TYR A 333 -15.35 1.51 9.05
N ASN A 334 -14.75 2.45 9.76
CA ASN A 334 -13.45 3.00 9.40
C ASN A 334 -12.28 2.22 10.00
N LYS A 335 -12.51 1.03 10.55
CA LYS A 335 -11.46 0.33 11.28
C LYS A 335 -10.40 -0.25 10.36
N MET A 336 -9.15 -0.20 10.84
CA MET A 336 -7.99 -0.71 10.10
C MET A 336 -8.21 -2.15 9.62
N GLU A 337 -8.90 -2.94 10.43
CA GLU A 337 -9.06 -4.36 10.17
C GLU A 337 -9.87 -4.64 8.90
N PHE A 338 -10.62 -3.67 8.39
CA PHE A 338 -11.46 -3.89 7.22
C PHE A 338 -10.77 -3.51 5.89
N GLU A 339 -9.56 -2.94 5.94
CA GLU A 339 -8.88 -2.57 4.67
C GLU A 339 -8.54 -3.78 3.85
N PRO A 340 -7.93 -4.87 4.34
CA PRO A 340 -7.61 -6.00 3.47
C PRO A 340 -8.81 -6.54 2.70
N PHE A 341 -9.93 -6.79 3.39
CA PHE A 341 -11.13 -7.25 2.71
C PHE A 341 -11.57 -6.27 1.64
N GLN A 342 -11.41 -4.98 1.91
CA GLN A 342 -11.84 -4.00 0.92
C GLN A 342 -11.03 -4.11 -0.37
N SER A 343 -9.76 -4.54 -0.30
CA SER A 343 -8.99 -4.75 -1.53
C SER A 343 -9.72 -5.71 -2.46
N LEU A 344 -10.31 -6.76 -1.89
CA LEU A 344 -10.94 -7.83 -2.66
C LEU A 344 -12.24 -7.39 -3.32
N VAL A 345 -12.74 -6.20 -3.05
CA VAL A 345 -13.98 -5.72 -3.64
C VAL A 345 -13.66 -4.89 -4.83
N PRO A 346 -14.16 -5.22 -6.04
CA PRO A 346 -13.91 -4.43 -7.25
C PRO A 346 -14.08 -2.93 -7.04
N LYS A 347 -13.03 -2.17 -7.33
CA LYS A 347 -13.04 -0.75 -7.01
C LYS A 347 -14.16 -0.02 -7.74
N ALA A 348 -14.61 -0.54 -8.88
CA ALA A 348 -15.73 0.07 -9.57
C ALA A 348 -16.99 0.07 -8.70
N ILE A 349 -17.23 -1.02 -7.97
CA ILE A 349 -18.53 -1.24 -7.32
C ILE A 349 -18.52 -1.01 -5.79
N ARG A 350 -17.34 -0.94 -5.16
CA ARG A 350 -17.26 -1.08 -3.71
C ARG A 350 -18.01 0.05 -2.99
N GLY A 351 -17.97 1.27 -3.53
CA GLY A 351 -18.69 2.36 -2.90
C GLY A 351 -20.19 2.12 -2.92
N GLN A 352 -20.70 1.55 -4.00
CA GLN A 352 -22.15 1.34 -4.08
C GLN A 352 -22.58 0.14 -3.25
N TYR A 353 -21.70 -0.84 -3.09
CA TYR A 353 -21.91 -1.87 -2.08
C TYR A 353 -22.01 -1.25 -0.69
N SER A 354 -21.01 -0.43 -0.34
CA SER A 354 -20.96 0.21 0.97
C SER A 354 -22.23 1.01 1.22
N GLY A 355 -22.66 1.80 0.23
CA GLY A 355 -23.89 2.56 0.39
C GLY A 355 -25.12 1.67 0.50
N PHE A 356 -25.10 0.53 -0.19
CA PHE A 356 -26.21 -0.43 -0.10
C PHE A 356 -26.26 -1.04 1.29
N VAL A 357 -25.11 -1.48 1.79
CA VAL A 357 -25.07 -2.19 3.05
C VAL A 357 -25.32 -1.24 4.22
N ARG A 358 -24.77 -0.02 4.18
CA ARG A 358 -25.00 0.90 5.30
C ARG A 358 -26.49 1.20 5.45
N THR A 359 -27.20 1.33 4.34
CA THR A 359 -28.63 1.55 4.42
C THR A 359 -29.34 0.35 5.02
N LEU A 360 -28.99 -0.86 4.59
CA LEU A 360 -29.60 -2.06 5.17
C LEU A 360 -29.35 -2.15 6.66
N PHE A 361 -28.15 -1.76 7.09
CA PHE A 361 -27.83 -1.70 8.52
C PHE A 361 -28.71 -0.69 9.24
N GLN A 362 -28.84 0.50 8.66
CA GLN A 362 -29.64 1.54 9.28
C GLN A 362 -31.10 1.14 9.39
N GLN A 363 -31.62 0.38 8.43
CA GLN A 363 -32.97 -0.17 8.54
C GLN A 363 -33.08 -1.11 9.73
N MET A 364 -32.03 -1.90 9.98
CA MET A 364 -32.07 -2.82 11.10
C MET A 364 -32.02 -2.05 12.42
N ARG A 365 -31.34 -0.92 12.45
CA ARG A 365 -31.34 -0.08 13.64
C ARG A 365 -32.69 0.60 13.85
N ASP A 366 -33.29 1.15 12.79
CA ASP A 366 -34.54 1.89 12.93
C ASP A 366 -35.70 0.96 13.25
N VAL A 367 -35.88 -0.12 12.48
CA VAL A 367 -36.93 -1.09 12.74
C VAL A 367 -36.44 -2.04 13.81
N LEU A 368 -37.04 -2.01 15.00
CA LEU A 368 -36.44 -2.73 16.11
C LEU A 368 -37.14 -4.05 16.38
N GLY A 369 -36.41 -4.97 17.01
CA GLY A 369 -36.88 -6.32 17.18
C GLY A 369 -36.49 -7.25 16.06
N THR A 370 -35.60 -6.81 15.17
CA THR A 370 -35.24 -7.56 13.98
C THR A 370 -33.72 -7.63 13.83
N PHE A 371 -33.03 -7.82 14.95
CA PHE A 371 -31.58 -7.97 14.97
C PHE A 371 -31.19 -9.34 14.43
N ASP A 372 -30.32 -9.37 13.42
CA ASP A 372 -29.83 -10.64 12.87
C ASP A 372 -28.31 -10.65 12.92
N THR A 373 -27.77 -11.45 13.84
CA THR A 373 -26.33 -11.51 14.04
C THR A 373 -25.63 -12.01 12.77
N THR A 374 -26.09 -13.13 12.21
CA THR A 374 -25.44 -13.66 11.01
C THR A 374 -25.42 -12.65 9.86
N GLN A 375 -26.47 -11.84 9.72
CA GLN A 375 -26.53 -10.93 8.59
C GLN A 375 -25.55 -9.77 8.74
N ILE A 376 -25.46 -9.22 9.95
CA ILE A 376 -24.52 -8.11 10.21
C ILE A 376 -23.09 -8.56 9.95
N ILE A 377 -22.73 -9.74 10.48
CA ILE A 377 -21.39 -10.28 10.29
C ILE A 377 -21.07 -10.42 8.80
N LYS A 378 -22.05 -10.90 8.02
CA LYS A 378 -21.85 -11.19 6.60
C LYS A 378 -21.54 -9.92 5.81
N LEU A 379 -22.30 -8.85 6.06
CA LEU A 379 -22.20 -7.66 5.24
C LEU A 379 -21.22 -6.63 5.78
N LEU A 380 -20.87 -6.73 7.06
CA LEU A 380 -20.11 -5.68 7.74
C LEU A 380 -18.84 -5.27 6.99
N PRO A 381 -18.00 -6.19 6.50
CA PRO A 381 -16.82 -5.71 5.76
C PRO A 381 -17.15 -4.93 4.49
N PHE A 382 -18.37 -5.01 3.96
CA PHE A 382 -18.71 -4.23 2.76
C PHE A 382 -19.00 -2.78 3.06
N ALA A 383 -19.21 -2.41 4.33
CA ALA A 383 -19.54 -1.04 4.67
C ALA A 383 -18.31 -0.17 4.90
N ALA A 384 -17.11 -0.74 4.73
CA ALA A 384 -15.89 0.02 5.00
C ALA A 384 -15.72 1.19 4.05
N ALA A 385 -15.81 0.96 2.75
CA ALA A 385 -15.50 1.98 1.74
C ALA A 385 -16.51 3.14 1.77
N PRO A 386 -16.13 4.28 1.20
CA PRO A 386 -17.03 5.45 1.18
C PRO A 386 -18.35 5.16 0.50
N PRO A 387 -19.46 5.49 1.16
CA PRO A 387 -20.79 5.19 0.62
C PRO A 387 -21.20 5.99 -0.60
N LYS A 388 -20.99 5.46 -1.80
CA LYS A 388 -21.66 5.99 -2.98
C LYS A 388 -23.07 5.42 -3.04
N GLN A 389 -24.03 6.26 -3.41
CA GLN A 389 -25.42 5.83 -3.38
C GLN A 389 -25.86 5.37 -4.77
N SER A 390 -26.65 4.31 -4.79
CA SER A 390 -27.21 3.72 -6.01
C SER A 390 -28.65 3.32 -5.68
N ARG A 391 -29.32 2.62 -6.62
CA ARG A 391 -30.66 2.05 -6.38
C ARG A 391 -30.75 0.58 -6.74
N MET A 392 -29.74 0.01 -7.39
CA MET A 392 -29.73 -1.42 -7.67
C MET A 392 -29.96 -2.18 -6.37
N GLN A 393 -30.81 -3.21 -6.44
CA GLN A 393 -31.08 -4.06 -5.28
C GLN A 393 -30.23 -5.32 -5.40
N PHE A 394 -28.98 -5.20 -4.95
CA PHE A 394 -28.03 -6.31 -5.03
C PHE A 394 -28.57 -7.56 -4.36
N SER A 395 -28.58 -8.67 -5.10
CA SER A 395 -28.92 -9.96 -4.51
C SER A 395 -27.69 -10.73 -4.09
N SER A 396 -26.52 -10.30 -4.56
CA SER A 396 -25.24 -10.87 -4.16
C SER A 396 -24.19 -9.78 -4.28
N LEU A 397 -23.10 -9.95 -3.52
CA LEU A 397 -21.98 -9.03 -3.52
C LEU A 397 -20.71 -9.80 -3.87
N THR A 398 -19.81 -9.17 -4.60
CA THR A 398 -18.71 -9.91 -5.20
C THR A 398 -17.38 -9.53 -4.59
N VAL A 399 -16.52 -10.54 -4.42
CA VAL A 399 -15.14 -10.37 -4.01
C VAL A 399 -14.29 -11.21 -4.95
N ASN A 400 -13.16 -10.67 -5.39
CA ASN A 400 -12.29 -11.40 -6.32
C ASN A 400 -11.19 -12.10 -5.52
N VAL A 401 -11.15 -13.42 -5.61
CA VAL A 401 -10.10 -14.20 -4.99
C VAL A 401 -9.29 -14.86 -6.10
N ARG A 402 -8.04 -14.39 -6.25
CA ARG A 402 -7.13 -14.84 -7.31
C ARG A 402 -7.76 -14.68 -8.69
N GLY A 403 -8.33 -13.49 -8.94
CA GLY A 403 -8.79 -13.13 -10.25
C GLY A 403 -10.21 -13.55 -10.60
N SER A 404 -10.86 -14.37 -9.78
CA SER A 404 -12.23 -14.79 -10.04
C SER A 404 -13.20 -14.18 -9.04
N GLY A 405 -14.40 -13.87 -9.53
CA GLY A 405 -15.38 -13.13 -8.75
C GLY A 405 -16.36 -13.99 -7.99
N MET A 406 -15.98 -14.39 -6.77
CA MET A 406 -16.88 -15.14 -5.91
C MET A 406 -17.96 -14.23 -5.35
N ARG A 407 -19.11 -14.83 -5.02
CA ARG A 407 -20.27 -14.05 -4.66
C ARG A 407 -20.77 -14.46 -3.28
N ILE A 408 -21.10 -13.45 -2.47
CA ILE A 408 -21.74 -13.65 -1.18
C ILE A 408 -23.21 -13.28 -1.35
N LEU A 409 -24.09 -14.23 -1.11
CA LEU A 409 -25.51 -13.96 -1.30
C LEU A 409 -26.04 -13.18 -0.11
N VAL A 410 -26.77 -12.10 -0.41
CA VAL A 410 -27.30 -11.25 0.64
C VAL A 410 -28.23 -12.02 1.55
N ARG A 411 -28.96 -12.99 1.00
CA ARG A 411 -29.91 -13.80 1.76
C ARG A 411 -29.56 -15.26 1.54
N GLY A 412 -29.06 -15.93 2.57
CA GLY A 412 -28.76 -17.34 2.49
C GLY A 412 -27.27 -17.61 2.37
N ASN A 413 -26.95 -18.89 2.21
CA ASN A 413 -25.57 -19.35 2.27
C ASN A 413 -24.92 -19.32 0.89
N SER A 414 -23.69 -19.77 0.83
CA SER A 414 -22.82 -19.49 -0.30
C SER A 414 -21.49 -20.20 -0.06
N PRO A 415 -20.76 -20.59 -1.11
CA PRO A 415 -19.45 -21.21 -0.86
C PRO A 415 -18.54 -20.30 -0.04
N VAL A 416 -18.64 -18.98 -0.25
CA VAL A 416 -17.83 -18.02 0.49
C VAL A 416 -18.29 -17.93 1.93
N PHE A 417 -19.60 -17.85 2.15
CA PHE A 417 -20.16 -17.67 3.48
C PHE A 417 -21.21 -18.75 3.71
N ASN A 418 -20.89 -19.72 4.56
CA ASN A 418 -21.80 -20.83 4.86
C ASN A 418 -21.93 -20.92 6.38
N TYR A 419 -23.07 -20.49 6.90
CA TYR A 419 -23.38 -20.58 8.31
C TYR A 419 -24.37 -21.72 8.55
N ASN A 420 -24.20 -22.39 9.69
CA ASN A 420 -24.99 -23.58 10.05
C ASN A 420 -25.83 -23.28 11.29
N LYS A 421 -27.09 -22.88 11.08
CA LYS A 421 -27.92 -22.34 12.16
C LYS A 421 -28.09 -23.26 13.36
N THR A 422 -27.91 -24.57 13.18
CA THR A 422 -28.04 -25.47 14.34
C THR A 422 -26.70 -25.64 15.08
N THR A 423 -25.67 -26.16 14.40
CA THR A 423 -24.35 -26.25 15.03
C THR A 423 -23.79 -24.87 15.37
N LYS A 424 -24.28 -23.83 14.70
CA LYS A 424 -23.87 -22.43 14.88
C LYS A 424 -22.45 -22.18 14.36
N ARG A 425 -21.99 -23.03 13.46
CA ARG A 425 -20.62 -23.03 12.97
C ARG A 425 -20.57 -22.33 11.62
N LEU A 426 -19.83 -21.22 11.56
CA LEU A 426 -19.68 -20.46 10.33
C LEU A 426 -18.50 -20.97 9.53
N THR A 427 -18.69 -21.10 8.23
CA THR A 427 -17.66 -21.64 7.33
C THR A 427 -17.37 -20.64 6.22
N ILE A 428 -16.10 -20.46 5.90
CA ILE A 428 -15.65 -19.49 4.92
C ILE A 428 -14.73 -20.23 3.95
N LEU A 429 -15.20 -20.43 2.72
CA LEU A 429 -14.48 -21.21 1.70
C LEU A 429 -13.95 -22.53 2.25
N GLY A 430 -14.63 -23.12 3.22
CA GLY A 430 -14.18 -24.38 3.76
C GLY A 430 -13.61 -24.29 5.16
N LYS A 431 -12.78 -23.29 5.42
CA LYS A 431 -12.17 -23.22 6.74
C LYS A 431 -13.16 -22.69 7.77
N ASP A 432 -12.94 -23.11 9.02
CA ASP A 432 -13.87 -22.85 10.12
C ASP A 432 -13.58 -21.45 10.69
N ALA A 433 -14.50 -20.51 10.46
CA ALA A 433 -14.34 -19.16 10.98
C ALA A 433 -14.77 -19.03 12.44
N GLY A 434 -15.35 -20.06 13.03
CA GLY A 434 -15.74 -20.01 14.43
C GLY A 434 -17.16 -20.50 14.63
N THR A 435 -17.74 -20.11 15.77
CA THR A 435 -19.09 -20.51 16.16
C THR A 435 -19.72 -19.35 16.90
N LEU A 436 -20.99 -19.06 16.60
CA LEU A 436 -21.70 -17.96 17.23
C LEU A 436 -22.34 -18.40 18.55
N ILE A 437 -22.42 -17.47 19.49
CA ILE A 437 -22.96 -17.75 20.81
C ILE A 437 -24.38 -17.21 20.88
N GLU A 438 -25.17 -17.75 21.81
CA GLU A 438 -26.58 -17.38 21.93
C GLU A 438 -26.70 -15.94 22.42
N ASP A 439 -27.44 -15.13 21.65
CA ASP A 439 -27.70 -13.72 21.94
C ASP A 439 -29.19 -13.38 21.96
N PRO A 440 -29.75 -13.20 23.15
CA PRO A 440 -31.12 -12.68 23.32
C PRO A 440 -31.61 -11.56 22.44
N ASP A 441 -30.80 -10.64 21.98
CA ASP A 441 -31.31 -9.63 21.06
C ASP A 441 -31.68 -10.22 19.70
N GLU A 442 -31.38 -11.50 19.46
CA GLU A 442 -31.65 -12.13 18.18
C GLU A 442 -33.15 -12.27 17.97
N SER A 443 -33.64 -11.70 16.88
CA SER A 443 -35.06 -11.73 16.55
C SER A 443 -35.54 -13.16 16.31
N THR A 444 -36.75 -13.47 16.79
CA THR A 444 -37.35 -14.77 16.53
C THR A 444 -38.45 -14.72 15.48
N SER A 445 -39.08 -13.56 15.28
CA SER A 445 -39.97 -13.40 14.15
C SER A 445 -39.18 -13.46 12.84
N GLY A 446 -39.84 -13.92 11.78
CA GLY A 446 -39.19 -14.06 10.49
C GLY A 446 -38.96 -12.78 9.72
N VAL A 447 -39.03 -11.62 10.39
CA VAL A 447 -38.88 -10.34 9.71
C VAL A 447 -37.40 -10.10 9.41
N GLU A 448 -37.08 -9.88 8.13
CA GLU A 448 -35.72 -9.63 7.68
C GLU A 448 -35.64 -8.19 7.22
N SER A 449 -34.92 -7.37 7.98
CA SER A 449 -34.82 -5.94 7.72
C SER A 449 -33.58 -5.55 6.91
N ALA A 450 -32.70 -6.50 6.60
CA ALA A 450 -31.42 -6.16 5.97
C ALA A 450 -31.15 -7.06 4.76
N VAL A 451 -32.14 -7.22 3.89
CA VAL A 451 -31.98 -7.93 2.63
C VAL A 451 -32.32 -7.02 1.43
N LEU A 452 -33.47 -6.36 1.49
CA LEU A 452 -33.92 -5.50 0.39
C LEU A 452 -33.86 -4.04 0.83
N ARG A 453 -33.11 -3.24 0.07
CA ARG A 453 -32.96 -1.81 0.31
C ARG A 453 -34.31 -1.10 0.26
N GLY A 454 -34.76 -0.57 1.39
CA GLY A 454 -36.02 0.13 1.49
C GLY A 454 -37.23 -0.75 1.71
N PHE A 455 -37.03 -2.04 1.98
CA PHE A 455 -38.14 -2.98 2.12
C PHE A 455 -37.85 -3.91 3.28
N LEU A 456 -38.91 -4.51 3.80
CA LEU A 456 -38.80 -5.43 4.92
C LEU A 456 -39.49 -6.73 4.53
N ILE A 457 -38.73 -7.82 4.52
CA ILE A 457 -39.31 -9.13 4.31
C ILE A 457 -40.07 -9.52 5.57
N LEU A 458 -41.29 -10.03 5.38
CA LEU A 458 -42.14 -10.48 6.49
C LEU A 458 -42.53 -11.94 6.34
N GLY A 459 -41.61 -12.77 5.88
CA GLY A 459 -41.85 -14.20 5.97
C GLY A 459 -42.43 -14.84 4.73
N LYS A 460 -43.23 -15.87 4.94
CA LYS A 460 -43.61 -16.76 3.86
C LYS A 460 -44.58 -16.08 2.89
N GLU A 461 -44.77 -16.74 1.77
CA GLU A 461 -45.72 -16.32 0.74
C GLU A 461 -47.15 -16.34 1.29
N ASP A 462 -47.84 -15.19 1.22
CA ASP A 462 -49.26 -15.09 1.58
C ASP A 462 -50.05 -14.61 0.38
N ARG A 463 -50.95 -15.48 -0.10
CA ARG A 463 -51.60 -15.27 -1.39
C ARG A 463 -52.61 -14.13 -1.38
N ARG A 464 -53.10 -13.72 -0.21
CA ARG A 464 -54.14 -12.71 -0.22
C ARG A 464 -53.65 -11.32 -0.59
N TYR A 465 -52.34 -11.09 -0.60
CA TYR A 465 -51.84 -9.78 -1.00
C TYR A 465 -51.54 -9.70 -2.50
N GLY A 466 -51.70 -10.80 -3.24
CA GLY A 466 -51.52 -10.79 -4.67
C GLY A 466 -50.65 -11.92 -5.17
N PRO A 467 -50.39 -11.93 -6.48
CA PRO A 467 -49.43 -12.89 -7.04
C PRO A 467 -48.02 -12.29 -7.06
N ALA A 468 -47.04 -13.16 -7.30
CA ALA A 468 -45.63 -12.82 -7.08
C ALA A 468 -45.13 -11.82 -8.11
N LEU A 469 -44.63 -10.68 -7.62
CA LEU A 469 -43.87 -9.71 -8.38
C LEU A 469 -42.43 -10.18 -8.55
N SER A 470 -41.63 -9.41 -9.30
CA SER A 470 -40.19 -9.59 -9.34
C SER A 470 -39.52 -8.34 -8.75
N ILE A 471 -38.18 -8.35 -8.71
CA ILE A 471 -37.49 -7.35 -7.90
C ILE A 471 -37.49 -6.00 -8.60
N ASN A 472 -37.46 -5.99 -9.94
CA ASN A 472 -37.41 -4.71 -10.64
C ASN A 472 -38.75 -3.99 -10.68
N GLU A 473 -39.86 -4.66 -10.37
CA GLU A 473 -41.10 -3.94 -10.13
C GLU A 473 -41.41 -3.83 -8.64
N LEU A 474 -40.41 -3.54 -7.83
CA LEU A 474 -40.74 -3.06 -6.50
C LEU A 474 -40.75 -1.54 -6.48
N SER A 475 -40.09 -0.92 -7.46
CA SER A 475 -40.05 0.53 -7.59
C SER A 475 -41.44 1.11 -7.82
N ASN A 476 -42.33 0.33 -8.43
CA ASN A 476 -43.70 0.75 -8.75
C ASN A 476 -44.64 0.65 -7.57
N LEU A 477 -44.09 0.64 -6.37
CA LEU A 477 -44.87 0.67 -5.16
C LEU A 477 -44.24 1.76 -4.31
N ALA A 478 -45.01 2.24 -3.35
CA ALA A 478 -44.77 3.54 -2.76
C ALA A 478 -45.42 3.63 -1.38
N LYS A 479 -44.64 4.13 -0.44
CA LYS A 479 -45.04 4.42 0.93
C LYS A 479 -45.72 3.19 1.59
N GLY A 480 -44.98 2.09 1.63
CA GLY A 480 -45.37 0.98 2.49
C GLY A 480 -46.64 0.23 2.16
N GLU A 481 -46.69 -0.36 0.97
CA GLU A 481 -47.68 -1.36 0.65
C GLU A 481 -47.00 -2.72 0.72
N LYS A 482 -47.80 -3.76 0.56
CA LYS A 482 -47.48 -5.10 1.02
C LYS A 482 -47.64 -6.07 -0.16
N ALA A 483 -46.52 -6.48 -0.76
CA ALA A 483 -46.58 -7.33 -1.95
C ALA A 483 -45.71 -8.57 -1.81
N ASN A 484 -46.11 -9.63 -2.50
CA ASN A 484 -45.27 -10.82 -2.56
C ASN A 484 -44.32 -10.70 -3.74
N VAL A 485 -43.05 -11.00 -3.50
CA VAL A 485 -42.04 -10.85 -4.54
C VAL A 485 -41.25 -12.14 -4.65
N LEU A 486 -41.05 -12.59 -5.88
CA LEU A 486 -40.17 -13.69 -6.22
C LEU A 486 -38.75 -13.31 -5.83
N ILE A 487 -38.25 -13.84 -4.72
CA ILE A 487 -36.92 -13.47 -4.25
C ILE A 487 -35.83 -14.34 -4.88
N GLY A 488 -36.12 -15.60 -5.19
CA GLY A 488 -35.15 -16.53 -5.73
C GLY A 488 -35.77 -17.43 -6.78
N GLN A 489 -35.28 -18.66 -6.88
CA GLN A 489 -35.90 -19.64 -7.76
C GLN A 489 -36.92 -20.42 -6.93
N GLY A 490 -38.20 -20.20 -7.21
CA GLY A 490 -39.26 -20.81 -6.45
C GLY A 490 -39.52 -20.15 -5.12
N ASP A 491 -38.49 -19.58 -4.50
CA ASP A 491 -38.64 -18.98 -3.18
C ASP A 491 -39.40 -17.67 -3.31
N VAL A 492 -40.61 -17.63 -2.76
CA VAL A 492 -41.44 -16.43 -2.73
C VAL A 492 -41.64 -16.02 -1.29
N VAL A 493 -41.63 -14.72 -1.04
CA VAL A 493 -41.75 -14.16 0.30
C VAL A 493 -42.59 -12.89 0.22
N LEU A 494 -42.97 -12.39 1.39
CA LEU A 494 -43.88 -11.26 1.53
C LEU A 494 -43.06 -10.06 2.00
N VAL A 495 -43.04 -8.99 1.19
CA VAL A 495 -42.15 -7.84 1.35
C VAL A 495 -42.93 -6.52 1.39
N MET A 496 -42.66 -5.67 2.38
CA MET A 496 -43.31 -4.36 2.48
C MET A 496 -42.28 -3.25 2.40
N LYS A 497 -42.71 -2.06 1.93
CA LYS A 497 -41.87 -0.89 1.73
C LYS A 497 -41.99 0.08 2.92
N ARG A 498 -41.02 1.00 3.03
CA ARG A 498 -40.96 1.92 4.15
C ARG A 498 -41.86 3.14 3.96
#